data_6UGG
#
_entry.id   6UGG
#
_cell.length_a   64.677
_cell.length_b   64.677
_cell.length_c   195.799
_cell.angle_alpha   90.000
_cell.angle_beta   90.000
_cell.angle_gamma   120.000
#
_symmetry.space_group_name_H-M   'P 31 2 1'
#
loop_
_entity.id
_entity.type
_entity.pdbx_description
1 polymer tRNAasp
2 water water
#
_entity_poly.entity_id   1
_entity_poly.type   'polyribonucleotide'
_entity_poly.pdbx_seq_one_letter_code
;GGAGCGGUAGUUCAGUCGGUUAGAAUACCUGCCUGUCACGCAGGGGGUCGCGGGUUCGAGUCCCGUCCGUUCCGCCA
;
_entity_poly.pdbx_strand_id   A,B
#